data_1CZZ
#
_entry.id   1CZZ
#
_cell.length_a   59.400
_cell.length_b   81.100
_cell.length_c   77.200
_cell.angle_alpha   90.00
_cell.angle_beta   96.80
_cell.angle_gamma   90.00
#
_symmetry.space_group_name_H-M   'P 1 21 1'
#
loop_
_entity.id
_entity.type
_entity.pdbx_description
1 polymer 'TUMOR NECROSIS FACTOR RECEPTOR ASSOCIATED PROTEIN 2'
2 polymer 'CD 40 PEPTIDE'
3 water water
#
loop_
_entity_poly.entity_id
_entity_poly.type
_entity_poly.pdbx_seq_one_letter_code
_entity_poly.pdbx_strand_id
1 'polypeptide(L)'
;EALSSKVQQLERSIGLKDLAMADLEQKVLEMEASTYDGVFIWKISDFPRKRQEAVAGRIPAIFSPAFYTSRYGYKMCLRI
YLNGDGTGRGTHLSLFFVVMKGPNDALLRWPFNQKVTLMLLDQNNREHVIDAFRPDVTSSSFQRPVNDMNIASGCPLFCP
VSKMEAKNSYVRDDAIFIKAIVDLTGL
;
A,B,C
2 'polypeptide(L)' (ACE)PVQETLHGC D,E
#
loop_
_chem_comp.id
_chem_comp.type
_chem_comp.name
_chem_comp.formula
ACE non-polymer 'ACETYL GROUP' 'C2 H4 O'
#
# COMPACT_ATOMS: atom_id res chain seq x y z
N GLU A 1 25.74 -27.56 30.95
CA GLU A 1 26.03 -27.63 29.48
C GLU A 1 24.73 -27.83 28.69
N ALA A 2 23.87 -28.70 29.20
CA ALA A 2 22.58 -29.01 28.54
C ALA A 2 21.79 -27.76 28.18
N LEU A 3 21.43 -26.97 29.19
CA LEU A 3 20.68 -25.75 28.96
C LEU A 3 21.58 -24.70 28.31
N SER A 4 22.80 -24.55 28.81
CA SER A 4 23.74 -23.57 28.26
C SER A 4 23.89 -23.66 26.73
N SER A 5 23.50 -24.80 26.16
CA SER A 5 23.58 -25.00 24.71
C SER A 5 22.23 -24.69 24.04
N LYS A 6 21.19 -25.36 24.50
CA LYS A 6 19.84 -25.16 23.99
C LYS A 6 19.48 -23.69 24.15
N VAL A 7 20.35 -22.96 24.82
CA VAL A 7 20.16 -21.54 25.06
C VAL A 7 20.84 -20.68 24.00
N GLN A 8 22.16 -20.77 23.85
CA GLN A 8 22.82 -19.94 22.85
C GLN A 8 22.42 -20.35 21.44
N GLN A 9 21.62 -21.41 21.31
CA GLN A 9 21.16 -21.84 20.00
C GLN A 9 19.88 -21.09 19.68
N LEU A 10 19.04 -20.88 20.70
CA LEU A 10 17.79 -20.14 20.54
C LEU A 10 18.12 -18.66 20.38
N GLU A 11 19.35 -18.29 20.71
CA GLU A 11 19.80 -16.92 20.59
C GLU A 11 20.21 -16.67 19.14
N ARG A 12 20.96 -17.61 18.57
CA ARG A 12 21.39 -17.50 17.18
C ARG A 12 20.11 -17.48 16.37
N SER A 13 19.12 -18.23 16.86
CA SER A 13 17.80 -18.31 16.24
C SER A 13 17.16 -16.94 16.33
N ILE A 14 17.13 -16.40 17.55
CA ILE A 14 16.54 -15.10 17.82
C ILE A 14 17.15 -14.04 16.95
N GLY A 15 18.37 -14.28 16.48
CA GLY A 15 19.05 -13.31 15.64
C GLY A 15 18.75 -13.45 14.15
N LEU A 16 18.61 -14.70 13.70
CA LEU A 16 18.31 -14.96 12.30
C LEU A 16 16.94 -14.38 11.98
N LYS A 17 16.00 -14.60 12.87
CA LYS A 17 14.63 -14.11 12.71
C LYS A 17 14.55 -12.60 12.86
N ASP A 18 15.56 -11.98 13.47
CA ASP A 18 15.56 -10.53 13.62
C ASP A 18 15.90 -9.89 12.29
N LEU A 19 16.63 -10.63 11.46
CA LEU A 19 17.02 -10.15 10.14
C LEU A 19 15.76 -10.17 9.25
N ALA A 20 14.91 -11.18 9.48
CA ALA A 20 13.67 -11.32 8.73
C ALA A 20 12.63 -10.29 9.15
N MET A 21 12.91 -9.57 10.23
CA MET A 21 11.97 -8.56 10.68
C MET A 21 12.38 -7.25 10.02
N ALA A 22 13.69 -7.00 9.98
CA ALA A 22 14.22 -5.79 9.37
C ALA A 22 13.96 -5.78 7.86
N ASP A 23 13.89 -6.96 7.26
CA ASP A 23 13.62 -7.00 5.84
C ASP A 23 12.19 -6.58 5.62
N LEU A 24 11.27 -7.21 6.34
CA LEU A 24 9.86 -6.93 6.21
C LEU A 24 9.52 -5.47 6.51
N GLU A 25 10.34 -4.84 7.36
CA GLU A 25 10.11 -3.43 7.70
C GLU A 25 10.48 -2.51 6.55
N GLN A 26 11.49 -2.92 5.77
CA GLN A 26 11.95 -2.13 4.63
C GLN A 26 11.02 -2.33 3.45
N LYS A 27 10.48 -3.53 3.34
CA LYS A 27 9.56 -3.83 2.26
C LYS A 27 8.32 -2.95 2.45
N VAL A 28 7.95 -2.76 3.71
CA VAL A 28 6.81 -1.92 4.03
C VAL A 28 7.19 -0.48 3.76
N LEU A 29 8.44 -0.13 4.05
CA LEU A 29 8.95 1.21 3.85
C LEU A 29 8.89 1.59 2.36
N GLU A 30 9.39 0.69 1.51
CA GLU A 30 9.39 0.90 0.07
C GLU A 30 7.96 1.05 -0.43
N MET A 31 7.04 0.27 0.16
CA MET A 31 5.64 0.31 -0.22
C MET A 31 4.93 1.63 0.07
N GLU A 32 5.35 2.29 1.14
CA GLU A 32 4.75 3.54 1.54
C GLU A 32 5.14 4.68 0.60
N ALA A 33 6.30 4.58 -0.03
CA ALA A 33 6.78 5.64 -0.92
C ALA A 33 6.52 5.42 -2.40
N SER A 34 6.08 4.22 -2.75
CA SER A 34 5.84 3.90 -4.15
C SER A 34 4.62 4.60 -4.74
N THR A 35 4.75 5.03 -5.99
CA THR A 35 3.67 5.69 -6.72
C THR A 35 3.48 4.90 -8.02
N TYR A 36 2.37 5.11 -8.70
CA TYR A 36 2.12 4.39 -9.94
C TYR A 36 1.70 5.27 -11.10
N ASP A 37 1.94 6.57 -11.00
CA ASP A 37 1.55 7.45 -12.09
C ASP A 37 2.73 8.15 -12.76
N GLY A 38 3.94 7.63 -12.53
CA GLY A 38 5.14 8.21 -13.11
C GLY A 38 5.68 9.46 -12.40
N VAL A 39 5.03 9.88 -11.33
CA VAL A 39 5.48 11.06 -10.59
C VAL A 39 6.04 10.65 -9.23
N PHE A 40 7.15 11.27 -8.84
CA PHE A 40 7.80 10.89 -7.61
C PHE A 40 8.53 12.07 -6.96
N ILE A 41 8.23 12.32 -5.69
CA ILE A 41 8.88 13.37 -4.94
C ILE A 41 9.67 12.70 -3.80
N TRP A 42 10.99 12.84 -3.90
CA TRP A 42 11.95 12.26 -2.98
C TRP A 42 12.54 13.27 -2.00
N LYS A 43 12.12 13.19 -0.74
CA LYS A 43 12.62 14.07 0.29
C LYS A 43 13.84 13.47 0.98
N ILE A 44 14.93 14.24 1.02
CA ILE A 44 16.17 13.78 1.63
C ILE A 44 16.46 14.57 2.89
N SER A 45 16.18 13.94 4.03
CA SER A 45 16.42 14.55 5.35
C SER A 45 17.88 14.34 5.79
N ASP A 46 18.29 15.07 6.82
CA ASP A 46 19.66 14.98 7.33
C ASP A 46 20.58 15.27 6.17
N PHE A 47 20.30 16.37 5.48
CA PHE A 47 21.07 16.75 4.31
C PHE A 47 22.56 16.98 4.57
N PRO A 48 22.87 17.83 5.54
CA PRO A 48 24.24 18.15 5.90
C PRO A 48 25.07 16.90 6.16
N ARG A 49 24.58 16.05 7.05
CA ARG A 49 25.28 14.83 7.38
C ARG A 49 25.57 14.02 6.13
N LYS A 50 24.54 13.76 5.33
CA LYS A 50 24.69 12.98 4.10
C LYS A 50 25.60 13.63 3.08
N ARG A 51 25.77 14.94 3.16
CA ARG A 51 26.68 15.60 2.23
C ARG A 51 28.07 15.15 2.58
N GLN A 52 28.44 15.41 3.83
CA GLN A 52 29.76 15.03 4.32
C GLN A 52 30.10 13.61 3.95
N GLU A 53 29.26 12.67 4.37
CA GLU A 53 29.53 11.27 4.07
C GLU A 53 29.88 11.08 2.59
N ALA A 54 29.43 12.00 1.75
CA ALA A 54 29.72 11.92 0.33
C ALA A 54 31.10 12.52 0.04
N VAL A 55 31.31 13.75 0.53
CA VAL A 55 32.57 14.45 0.35
C VAL A 55 33.70 13.62 0.97
N ALA A 56 33.45 13.12 2.18
CA ALA A 56 34.42 12.31 2.90
C ALA A 56 34.57 10.95 2.22
N GLY A 57 33.95 10.81 1.05
CA GLY A 57 34.02 9.57 0.29
C GLY A 57 33.31 8.37 0.90
N ARG A 58 32.99 8.43 2.20
CA ARG A 58 32.33 7.31 2.86
C ARG A 58 31.13 6.77 2.11
N ILE A 59 30.17 7.64 1.81
CA ILE A 59 28.98 7.23 1.07
C ILE A 59 28.80 8.11 -0.16
N PRO A 60 29.35 7.67 -1.30
CA PRO A 60 29.26 8.42 -2.55
C PRO A 60 27.83 8.67 -3.09
N ALA A 61 26.97 7.66 -3.07
CA ALA A 61 25.60 7.82 -3.61
C ALA A 61 24.47 7.15 -2.85
N ILE A 62 23.27 7.73 -2.99
CA ILE A 62 22.08 7.20 -2.34
C ILE A 62 21.02 6.79 -3.35
N PHE A 63 20.34 5.68 -3.07
CA PHE A 63 19.26 5.21 -3.93
C PHE A 63 17.95 5.67 -3.32
N SER A 64 16.94 5.90 -4.14
CA SER A 64 15.65 6.33 -3.62
C SER A 64 14.71 5.16 -3.75
N PRO A 65 13.55 5.23 -3.06
CA PRO A 65 12.55 4.17 -3.11
C PRO A 65 12.11 3.99 -4.58
N ALA A 66 11.38 2.93 -4.88
CA ALA A 66 10.96 2.70 -6.25
C ALA A 66 9.55 3.23 -6.56
N PHE A 67 9.29 3.44 -7.85
CA PHE A 67 7.98 3.89 -8.32
C PHE A 67 7.71 3.32 -9.72
N TYR A 68 6.47 3.35 -10.15
CA TYR A 68 6.15 2.74 -11.44
C TYR A 68 5.43 3.70 -12.40
N THR A 69 5.35 3.32 -13.68
CA THR A 69 4.67 4.12 -14.69
C THR A 69 3.16 3.92 -14.60
N SER A 70 2.76 2.75 -14.08
CA SER A 70 1.35 2.39 -13.89
C SER A 70 1.29 1.23 -12.91
N ARG A 71 0.09 0.77 -12.55
CA ARG A 71 -0.01 -0.29 -11.56
C ARG A 71 0.84 -1.52 -11.87
N TYR A 72 0.92 -1.88 -13.14
CA TYR A 72 1.76 -3.01 -13.54
C TYR A 72 2.80 -2.59 -14.59
N GLY A 73 3.22 -1.32 -14.55
CA GLY A 73 4.22 -0.81 -15.49
C GLY A 73 5.67 -0.98 -15.06
N TYR A 74 6.57 -0.18 -15.63
CA TYR A 74 8.00 -0.24 -15.29
C TYR A 74 8.30 0.14 -13.85
N LYS A 75 9.29 -0.52 -13.28
CA LYS A 75 9.72 -0.24 -11.91
C LYS A 75 10.97 0.60 -12.06
N MET A 76 11.04 1.72 -11.35
CA MET A 76 12.18 2.63 -11.46
C MET A 76 12.48 3.29 -10.13
N CYS A 77 13.62 3.97 -10.07
CA CYS A 77 14.03 4.73 -8.89
C CYS A 77 15.12 5.72 -9.30
N LEU A 78 15.57 6.54 -8.37
CA LEU A 78 16.61 7.50 -8.67
C LEU A 78 17.88 7.21 -7.86
N ARG A 79 19.00 7.78 -8.27
CA ARG A 79 20.25 7.61 -7.53
C ARG A 79 20.97 8.94 -7.53
N ILE A 80 21.42 9.39 -6.36
CA ILE A 80 22.08 10.68 -6.27
C ILE A 80 23.44 10.65 -5.60
N TYR A 81 24.36 11.44 -6.15
CA TYR A 81 25.71 11.59 -5.61
C TYR A 81 25.77 13.01 -5.10
N LEU A 82 25.53 13.20 -3.80
CA LEU A 82 25.53 14.54 -3.22
C LEU A 82 26.81 15.35 -3.40
N ASN A 83 27.83 14.72 -3.98
CA ASN A 83 29.10 15.40 -4.21
C ASN A 83 29.65 15.11 -5.61
N GLY A 84 28.78 14.64 -6.50
CA GLY A 84 29.18 14.37 -7.87
C GLY A 84 29.68 13.00 -8.26
N ASP A 85 29.60 12.73 -9.56
CA ASP A 85 30.05 11.47 -10.16
C ASP A 85 30.55 11.81 -11.56
N GLY A 86 31.57 11.09 -12.01
CA GLY A 86 32.13 11.33 -13.33
C GLY A 86 32.56 12.77 -13.52
N THR A 87 32.10 13.38 -14.60
CA THR A 87 32.44 14.77 -14.91
C THR A 87 32.13 15.79 -13.81
N GLY A 88 31.10 15.54 -13.00
CA GLY A 88 30.77 16.48 -11.96
C GLY A 88 31.36 16.18 -10.59
N ARG A 89 32.34 15.28 -10.54
CA ARG A 89 32.98 14.91 -9.26
C ARG A 89 33.49 16.13 -8.48
N GLY A 90 32.97 16.30 -7.26
CA GLY A 90 33.39 17.41 -6.42
C GLY A 90 32.85 18.78 -6.77
N THR A 91 32.28 18.93 -7.97
CA THR A 91 31.74 20.22 -8.43
C THR A 91 30.23 20.27 -8.58
N HIS A 92 29.64 19.13 -8.97
CA HIS A 92 28.20 19.07 -9.18
C HIS A 92 27.47 17.99 -8.41
N LEU A 93 26.16 18.18 -8.32
CA LEU A 93 25.25 17.24 -7.70
C LEU A 93 24.85 16.35 -8.88
N SER A 94 25.19 15.07 -8.83
CA SER A 94 24.84 14.16 -9.92
C SER A 94 23.54 13.42 -9.64
N LEU A 95 22.63 13.41 -10.62
CA LEU A 95 21.35 12.74 -10.45
C LEU A 95 21.11 11.73 -11.56
N PHE A 96 20.72 10.51 -11.20
CA PHE A 96 20.48 9.49 -12.19
C PHE A 96 19.12 8.78 -12.12
N PHE A 97 18.73 8.23 -13.26
CA PHE A 97 17.48 7.50 -13.41
C PHE A 97 17.84 6.02 -13.51
N VAL A 98 17.12 5.17 -12.79
CA VAL A 98 17.39 3.74 -12.82
C VAL A 98 16.19 2.87 -13.23
N VAL A 99 16.39 2.06 -14.26
CA VAL A 99 15.35 1.11 -14.67
C VAL A 99 15.60 -0.20 -13.91
N MET A 100 14.72 -0.54 -12.97
CA MET A 100 14.88 -1.76 -12.19
C MET A 100 14.11 -2.94 -12.74
N LYS A 101 14.35 -4.12 -12.17
CA LYS A 101 13.64 -5.30 -12.61
C LYS A 101 12.24 -5.23 -12.02
N GLY A 102 11.24 -5.23 -12.90
CA GLY A 102 9.86 -5.17 -12.45
C GLY A 102 9.25 -6.54 -12.52
N PRO A 103 8.20 -6.80 -11.74
CA PRO A 103 7.55 -8.12 -11.75
C PRO A 103 6.77 -8.36 -13.03
N ASN A 104 6.58 -7.30 -13.81
CA ASN A 104 5.82 -7.39 -15.06
C ASN A 104 6.66 -7.15 -16.32
N ASP A 105 7.97 -7.11 -16.20
CA ASP A 105 8.81 -6.86 -17.37
C ASP A 105 8.45 -7.68 -18.60
N ALA A 106 8.11 -8.94 -18.41
CA ALA A 106 7.75 -9.81 -19.53
C ALA A 106 6.56 -9.24 -20.31
N LEU A 107 5.79 -8.38 -19.68
CA LEU A 107 4.65 -7.81 -20.34
C LEU A 107 4.92 -6.44 -20.95
N LEU A 108 6.08 -5.87 -20.67
CA LEU A 108 6.41 -4.54 -21.18
C LEU A 108 7.24 -4.52 -22.45
N ARG A 109 7.11 -3.43 -23.21
CA ARG A 109 7.87 -3.26 -24.44
C ARG A 109 9.25 -2.74 -24.10
N TRP A 110 10.28 -3.28 -24.74
CA TRP A 110 11.64 -2.84 -24.49
C TRP A 110 12.33 -2.49 -25.81
N PRO A 111 13.36 -1.62 -25.76
CA PRO A 111 13.91 -0.97 -24.57
C PRO A 111 13.00 0.13 -23.99
N PHE A 112 13.31 0.55 -22.76
CA PHE A 112 12.59 1.61 -22.06
C PHE A 112 12.77 2.84 -22.95
N ASN A 113 11.70 3.58 -23.21
CA ASN A 113 11.85 4.74 -24.08
C ASN A 113 10.85 5.86 -23.77
N GLN A 114 10.84 6.31 -22.52
CA GLN A 114 9.94 7.37 -22.07
C GLN A 114 10.77 8.56 -21.70
N LYS A 115 10.26 9.75 -21.97
CA LYS A 115 11.01 10.95 -21.59
C LYS A 115 11.01 11.07 -20.08
N VAL A 116 12.15 11.47 -19.52
CA VAL A 116 12.28 11.65 -18.09
C VAL A 116 12.71 13.08 -17.72
N THR A 117 11.99 13.69 -16.80
CA THR A 117 12.32 15.03 -16.34
C THR A 117 12.78 14.95 -14.87
N LEU A 118 13.92 15.56 -14.58
CA LEU A 118 14.44 15.53 -13.23
C LEU A 118 14.48 16.94 -12.65
N MET A 119 14.04 17.07 -11.40
CA MET A 119 13.99 18.37 -10.73
C MET A 119 14.49 18.38 -9.29
N LEU A 120 15.05 19.53 -8.92
CA LEU A 120 15.53 19.83 -7.58
C LEU A 120 14.64 21.01 -7.19
N LEU A 121 13.59 20.75 -6.44
CA LEU A 121 12.65 21.80 -6.06
C LEU A 121 13.21 22.92 -5.20
N ASP A 122 12.82 24.14 -5.55
CA ASP A 122 13.19 25.34 -4.82
C ASP A 122 12.09 25.52 -3.78
N GLN A 123 12.44 25.46 -2.50
CA GLN A 123 11.43 25.59 -1.45
C GLN A 123 10.86 27.00 -1.28
N ASN A 124 10.91 27.75 -2.38
CA ASN A 124 10.41 29.11 -2.47
C ASN A 124 9.67 29.28 -3.80
N ASN A 125 9.39 28.16 -4.45
CA ASN A 125 8.72 28.13 -5.75
C ASN A 125 9.18 29.19 -6.75
N ARG A 126 10.40 29.67 -6.57
CA ARG A 126 10.97 30.68 -7.45
C ARG A 126 11.59 30.01 -8.69
N GLU A 127 12.82 29.53 -8.56
CA GLU A 127 13.52 28.89 -9.69
C GLU A 127 13.97 27.45 -9.41
N HIS A 128 13.20 26.46 -9.85
CA HIS A 128 13.59 25.07 -9.65
C HIS A 128 14.77 24.71 -10.56
N VAL A 129 15.49 23.65 -10.21
CA VAL A 129 16.58 23.17 -11.05
C VAL A 129 15.98 22.01 -11.82
N ILE A 130 15.84 22.18 -13.13
CA ILE A 130 15.20 21.17 -13.94
C ILE A 130 15.99 20.79 -15.19
N ASP A 131 15.85 19.54 -15.61
CA ASP A 131 16.52 19.02 -16.80
C ASP A 131 15.71 17.80 -17.24
N ALA A 132 15.85 17.39 -18.49
CA ALA A 132 15.12 16.24 -19.02
C ALA A 132 15.92 15.49 -20.09
N PHE A 133 15.40 14.34 -20.51
CA PHE A 133 16.08 13.55 -21.54
C PHE A 133 15.24 12.40 -22.07
N ARG A 134 15.67 11.86 -23.20
CA ARG A 134 15.02 10.70 -23.82
C ARG A 134 16.05 9.60 -23.79
N PRO A 135 15.64 8.40 -23.38
CA PRO A 135 16.54 7.25 -23.29
C PRO A 135 17.39 6.98 -24.53
N ASP A 136 18.61 6.53 -24.28
CA ASP A 136 19.54 6.17 -25.35
C ASP A 136 19.28 4.70 -25.65
N VAL A 137 18.26 4.46 -26.48
CA VAL A 137 17.82 3.13 -26.87
C VAL A 137 18.91 2.05 -27.08
N THR A 138 20.13 2.46 -27.37
CA THR A 138 21.20 1.48 -27.57
C THR A 138 22.01 1.23 -26.28
N SER A 139 21.80 2.08 -25.28
CA SER A 139 22.48 1.95 -23.99
C SER A 139 21.90 0.76 -23.24
N SER A 140 22.71 0.07 -22.42
CA SER A 140 22.18 -1.08 -21.70
C SER A 140 21.30 -0.62 -20.56
N SER A 141 21.43 0.64 -20.17
CA SER A 141 20.63 1.20 -19.08
C SER A 141 19.14 1.10 -19.33
N PHE A 142 18.72 1.00 -20.59
CA PHE A 142 17.29 0.92 -20.90
C PHE A 142 16.85 -0.41 -21.54
N GLN A 143 17.69 -1.42 -21.42
CA GLN A 143 17.35 -2.72 -21.97
C GLN A 143 16.61 -3.47 -20.87
N ARG A 144 15.81 -4.47 -21.23
CA ARG A 144 15.08 -5.21 -20.21
C ARG A 144 16.10 -5.64 -19.17
N PRO A 145 15.84 -5.31 -17.89
CA PRO A 145 16.76 -5.67 -16.80
C PRO A 145 17.02 -7.17 -16.65
N VAL A 146 18.28 -7.50 -16.36
CA VAL A 146 18.72 -8.88 -16.15
C VAL A 146 19.01 -9.07 -14.67
N ASN A 147 19.49 -8.00 -14.05
CA ASN A 147 19.81 -7.98 -12.62
C ASN A 147 18.68 -7.28 -11.84
N ASP A 148 19.00 -6.75 -10.68
CA ASP A 148 18.02 -6.04 -9.87
C ASP A 148 17.91 -4.63 -10.45
N MET A 149 19.02 -4.07 -10.90
CA MET A 149 19.05 -2.73 -11.46
C MET A 149 20.02 -2.63 -12.64
N ASN A 150 19.72 -1.75 -13.58
CA ASN A 150 20.61 -1.54 -14.70
C ASN A 150 21.57 -0.43 -14.25
N ILE A 151 22.46 -0.03 -15.17
CA ILE A 151 23.42 1.04 -14.89
C ILE A 151 22.56 2.28 -14.82
N ALA A 152 22.84 3.16 -13.87
CA ALA A 152 22.08 4.39 -13.74
C ALA A 152 22.53 5.33 -14.86
N SER A 153 21.59 6.10 -15.38
CA SER A 153 21.91 7.04 -16.46
C SER A 153 21.18 8.36 -16.19
N GLY A 154 21.85 9.48 -16.40
CA GLY A 154 21.20 10.74 -16.15
C GLY A 154 22.02 11.98 -16.32
N CYS A 155 22.01 12.83 -15.29
CA CYS A 155 22.70 14.12 -15.29
C CYS A 155 23.83 14.23 -14.28
N PRO A 156 25.07 13.84 -14.68
CA PRO A 156 26.22 13.92 -13.78
C PRO A 156 26.53 15.37 -13.42
N LEU A 157 26.13 16.30 -14.28
CA LEU A 157 26.34 17.73 -14.04
C LEU A 157 24.98 18.39 -13.82
N PHE A 158 24.11 17.72 -13.05
CA PHE A 158 22.78 18.23 -12.78
C PHE A 158 22.71 19.57 -12.07
N CYS A 159 23.43 19.70 -10.95
CA CYS A 159 23.40 20.95 -10.18
C CYS A 159 24.74 21.27 -9.53
N PRO A 160 25.20 22.54 -9.63
CA PRO A 160 26.47 22.98 -9.04
C PRO A 160 26.40 22.96 -7.51
N VAL A 161 27.30 22.20 -6.89
CA VAL A 161 27.34 22.08 -5.44
C VAL A 161 27.08 23.39 -4.71
N SER A 162 27.72 24.45 -5.19
CA SER A 162 27.57 25.77 -4.59
C SER A 162 26.14 26.26 -4.61
N LYS A 163 25.47 26.10 -5.76
CA LYS A 163 24.10 26.56 -5.89
C LYS A 163 23.23 26.10 -4.72
N MET A 164 23.22 24.80 -4.47
CA MET A 164 22.43 24.29 -3.36
C MET A 164 23.11 24.75 -2.08
N GLU A 165 23.49 23.77 -1.25
CA GLU A 165 24.15 24.01 0.02
C GLU A 165 24.11 25.48 0.42
N ALA A 166 25.11 26.25 -0.01
CA ALA A 166 25.20 27.68 0.30
C ALA A 166 24.05 28.15 1.17
N LYS A 167 22.94 28.50 0.53
CA LYS A 167 21.75 28.94 1.26
C LYS A 167 20.55 28.76 0.35
N ASN A 168 20.30 29.75 -0.50
CA ASN A 168 19.17 29.72 -1.43
C ASN A 168 17.90 29.21 -0.77
N SER A 169 17.18 28.38 -1.48
CA SER A 169 15.95 27.83 -0.95
C SER A 169 15.86 26.34 -1.25
N TYR A 170 16.89 25.79 -1.87
CA TYR A 170 16.87 24.37 -2.18
C TYR A 170 16.97 23.53 -0.94
N VAL A 171 17.80 23.98 0.00
CA VAL A 171 17.98 23.28 1.25
C VAL A 171 17.34 24.11 2.36
N ARG A 172 16.41 23.50 3.08
CA ARG A 172 15.73 24.21 4.16
C ARG A 172 15.49 23.18 5.25
N ASP A 173 15.58 23.61 6.50
CA ASP A 173 15.38 22.74 7.66
C ASP A 173 16.01 21.37 7.42
N ASP A 174 17.26 21.44 6.99
CA ASP A 174 18.12 20.30 6.70
C ASP A 174 17.47 19.17 5.86
N ALA A 175 16.87 19.55 4.74
CA ALA A 175 16.23 18.59 3.83
C ALA A 175 16.09 19.19 2.45
N ILE A 176 15.94 18.33 1.45
CA ILE A 176 15.76 18.78 0.07
C ILE A 176 14.77 17.85 -0.61
N PHE A 177 14.13 18.32 -1.68
CA PHE A 177 13.20 17.47 -2.40
C PHE A 177 13.63 17.30 -3.84
N ILE A 178 13.55 16.06 -4.31
CA ILE A 178 13.91 15.72 -5.67
C ILE A 178 12.65 15.23 -6.36
N LYS A 179 12.35 15.78 -7.53
CA LYS A 179 11.15 15.35 -8.24
C LYS A 179 11.48 14.72 -9.59
N ALA A 180 10.80 13.61 -9.89
CA ALA A 180 11.03 12.92 -11.16
C ALA A 180 9.68 12.75 -11.86
N ILE A 181 9.64 13.05 -13.14
CA ILE A 181 8.42 12.88 -13.90
C ILE A 181 8.72 12.05 -15.13
N VAL A 182 8.12 10.87 -15.22
CA VAL A 182 8.31 9.99 -16.36
C VAL A 182 7.13 10.24 -17.31
N ASP A 183 7.43 10.65 -18.54
CA ASP A 183 6.38 10.91 -19.51
C ASP A 183 5.67 9.60 -19.86
N LEU A 184 4.34 9.60 -19.85
CA LEU A 184 3.59 8.39 -20.11
C LEU A 184 3.11 8.17 -21.56
N THR A 185 3.48 9.06 -22.47
CA THR A 185 3.06 8.94 -23.86
C THR A 185 3.36 7.55 -24.43
N GLY A 186 2.34 6.93 -25.01
CA GLY A 186 2.51 5.61 -25.58
C GLY A 186 2.07 4.48 -24.66
N LEU A 187 2.07 4.71 -23.35
CA LEU A 187 1.68 3.69 -22.37
C LEU A 187 0.22 3.85 -21.95
N GLU B 1 13.45 -28.67 34.62
CA GLU B 1 13.03 -28.37 36.02
C GLU B 1 13.77 -27.17 36.60
N ALA B 2 15.09 -27.30 36.80
CA ALA B 2 15.90 -26.22 37.36
C ALA B 2 15.54 -24.86 36.75
N LEU B 3 15.84 -24.69 35.47
CA LEU B 3 15.53 -23.44 34.75
C LEU B 3 15.12 -23.76 33.31
N SER B 4 14.81 -25.02 33.05
CA SER B 4 14.40 -25.46 31.73
C SER B 4 12.90 -25.27 31.48
N SER B 5 12.10 -25.23 32.55
CA SER B 5 10.66 -25.03 32.41
C SER B 5 10.38 -23.66 31.79
N LYS B 6 11.39 -22.80 31.84
CA LYS B 6 11.29 -21.45 31.29
C LYS B 6 11.81 -21.42 29.86
N VAL B 7 13.02 -21.96 29.64
CA VAL B 7 13.61 -21.98 28.32
C VAL B 7 12.79 -22.86 27.37
N GLN B 8 12.39 -24.04 27.85
CA GLN B 8 11.58 -24.95 27.04
C GLN B 8 10.23 -24.28 26.86
N GLN B 9 10.06 -23.14 27.51
CA GLN B 9 8.84 -22.36 27.43
C GLN B 9 9.10 -21.14 26.52
N LEU B 10 10.35 -20.69 26.49
CA LEU B 10 10.74 -19.57 25.64
C LEU B 10 10.75 -20.11 24.21
N GLU B 11 11.20 -21.36 24.06
CA GLU B 11 11.25 -22.00 22.75
C GLU B 11 9.82 -22.15 22.22
N ARG B 12 8.87 -22.33 23.13
CA ARG B 12 7.46 -22.46 22.74
C ARG B 12 6.97 -21.06 22.46
N SER B 13 7.70 -20.08 23.00
CA SER B 13 7.37 -18.67 22.82
C SER B 13 7.77 -18.27 21.40
N ILE B 14 9.05 -18.45 21.08
CA ILE B 14 9.56 -18.13 19.75
C ILE B 14 8.70 -18.81 18.69
N GLY B 15 8.37 -20.08 18.95
CA GLY B 15 7.57 -20.87 18.02
C GLY B 15 6.11 -20.49 17.86
N LEU B 16 5.47 -20.03 18.92
CA LEU B 16 4.07 -19.64 18.82
C LEU B 16 3.98 -18.23 18.24
N LYS B 17 5.12 -17.54 18.24
CA LYS B 17 5.18 -16.17 17.70
C LYS B 17 5.54 -16.21 16.23
N ASP B 18 6.44 -17.13 15.87
CA ASP B 18 6.87 -17.31 14.49
C ASP B 18 5.68 -17.52 13.55
N LEU B 19 4.57 -17.97 14.10
CA LEU B 19 3.37 -18.20 13.32
C LEU B 19 2.64 -16.88 13.08
N ALA B 20 2.73 -15.97 14.04
CA ALA B 20 2.10 -14.65 13.92
C ALA B 20 2.81 -13.83 12.82
N MET B 21 4.11 -14.09 12.67
CA MET B 21 4.94 -13.43 11.68
C MET B 21 4.55 -13.87 10.28
N ALA B 22 4.10 -15.11 10.17
CA ALA B 22 3.71 -15.66 8.87
C ALA B 22 2.40 -15.00 8.48
N ASP B 23 1.60 -14.65 9.49
CA ASP B 23 0.33 -13.99 9.23
C ASP B 23 0.67 -12.63 8.63
N LEU B 24 1.35 -11.80 9.42
CA LEU B 24 1.72 -10.45 9.01
C LEU B 24 2.31 -10.37 7.61
N GLU B 25 3.29 -11.23 7.32
CA GLU B 25 3.90 -11.24 5.99
C GLU B 25 2.88 -11.48 4.89
N GLN B 26 1.85 -12.25 5.23
CA GLN B 26 0.77 -12.54 4.30
C GLN B 26 -0.11 -11.30 4.07
N LYS B 27 -0.27 -10.50 5.11
CA LYS B 27 -1.08 -9.28 5.03
C LYS B 27 -0.35 -8.20 4.25
N VAL B 28 0.97 -8.15 4.41
CA VAL B 28 1.79 -7.16 3.73
C VAL B 28 1.82 -7.51 2.24
N LEU B 29 1.94 -8.80 1.97
CA LEU B 29 1.95 -9.30 0.61
C LEU B 29 0.61 -8.94 -0.05
N GLU B 30 -0.47 -9.02 0.73
CA GLU B 30 -1.82 -8.71 0.26
C GLU B 30 -2.03 -7.21 -0.05
N MET B 31 -1.49 -6.34 0.80
CA MET B 31 -1.63 -4.90 0.58
C MET B 31 -0.88 -4.48 -0.67
N GLU B 32 0.20 -5.18 -0.93
CA GLU B 32 1.07 -4.91 -2.06
C GLU B 32 0.46 -5.31 -3.40
N ALA B 33 -0.53 -6.20 -3.36
CA ALA B 33 -1.16 -6.65 -4.59
C ALA B 33 -2.53 -6.03 -4.83
N SER B 34 -3.06 -5.34 -3.83
CA SER B 34 -4.39 -4.74 -3.94
C SER B 34 -4.46 -3.57 -4.91
N THR B 35 -5.57 -3.51 -5.64
CA THR B 35 -5.80 -2.42 -6.57
C THR B 35 -7.19 -1.92 -6.27
N TYR B 36 -7.53 -0.72 -6.70
CA TYR B 36 -8.86 -0.18 -6.43
C TYR B 36 -9.62 0.37 -7.63
N ASP B 37 -9.27 -0.08 -8.82
CA ASP B 37 -9.93 0.40 -10.04
C ASP B 37 -10.67 -0.70 -10.81
N GLY B 38 -10.77 -1.89 -10.22
CA GLY B 38 -11.45 -2.96 -10.90
C GLY B 38 -10.57 -3.78 -11.83
N VAL B 39 -9.33 -3.37 -12.00
CA VAL B 39 -8.39 -4.11 -12.86
C VAL B 39 -7.37 -4.83 -11.99
N PHE B 40 -7.09 -6.07 -12.30
CA PHE B 40 -6.16 -6.84 -11.50
C PHE B 40 -5.35 -7.81 -12.32
N ILE B 41 -4.03 -7.72 -12.26
CA ILE B 41 -3.18 -8.66 -12.97
C ILE B 41 -2.54 -9.57 -11.91
N TRP B 42 -2.75 -10.87 -12.07
CA TRP B 42 -2.24 -11.86 -11.13
C TRP B 42 -1.13 -12.74 -11.70
N LYS B 43 0.08 -12.53 -11.19
CA LYS B 43 1.23 -13.31 -11.64
C LYS B 43 1.37 -14.60 -10.81
N ILE B 44 1.46 -15.73 -11.49
CA ILE B 44 1.62 -17.00 -10.80
C ILE B 44 2.98 -17.61 -11.15
N SER B 45 3.88 -17.68 -10.17
CA SER B 45 5.21 -18.24 -10.39
C SER B 45 5.30 -19.68 -9.90
N ASP B 46 6.36 -20.39 -10.31
CA ASP B 46 6.53 -21.79 -9.96
C ASP B 46 5.32 -22.53 -10.53
N PHE B 47 5.01 -22.22 -11.79
CA PHE B 47 3.87 -22.81 -12.47
C PHE B 47 3.96 -24.32 -12.56
N PRO B 48 5.15 -24.81 -12.92
CA PRO B 48 5.38 -26.24 -13.04
C PRO B 48 5.01 -26.96 -11.75
N ARG B 49 5.63 -26.54 -10.66
CA ARG B 49 5.37 -27.13 -9.36
C ARG B 49 3.91 -27.10 -8.99
N LYS B 50 3.28 -25.93 -9.08
CA LYS B 50 1.87 -25.77 -8.73
C LYS B 50 0.93 -26.56 -9.63
N ARG B 51 1.38 -26.88 -10.84
CA ARG B 51 0.57 -27.69 -11.73
C ARG B 51 0.55 -29.11 -11.19
N GLN B 52 1.70 -29.61 -10.77
CA GLN B 52 1.74 -30.95 -10.21
C GLN B 52 0.83 -31.06 -9.00
N GLU B 53 0.99 -30.16 -8.05
CA GLU B 53 0.17 -30.16 -6.85
C GLU B 53 -1.32 -30.20 -7.14
N ALA B 54 -1.71 -29.84 -8.36
CA ALA B 54 -3.11 -29.87 -8.73
C ALA B 54 -3.44 -31.27 -9.30
N VAL B 55 -2.62 -31.72 -10.24
CA VAL B 55 -2.80 -33.03 -10.85
C VAL B 55 -2.69 -34.12 -9.77
N ALA B 56 -1.67 -33.99 -8.92
CA ALA B 56 -1.45 -34.94 -7.83
C ALA B 56 -2.50 -34.78 -6.74
N GLY B 57 -3.59 -34.10 -7.09
CA GLY B 57 -4.68 -33.89 -6.16
C GLY B 57 -4.32 -33.22 -4.85
N ARG B 58 -3.04 -32.92 -4.64
CA ARG B 58 -2.63 -32.30 -3.39
C ARG B 58 -3.22 -30.90 -3.17
N ILE B 59 -3.06 -30.01 -4.15
CA ILE B 59 -3.62 -28.68 -4.03
C ILE B 59 -4.48 -28.43 -5.27
N PRO B 60 -5.81 -28.54 -5.11
CA PRO B 60 -6.78 -28.35 -6.20
C PRO B 60 -6.85 -26.92 -6.75
N ALA B 61 -7.09 -25.97 -5.86
CA ALA B 61 -7.22 -24.56 -6.26
C ALA B 61 -6.45 -23.53 -5.41
N ILE B 62 -6.09 -22.41 -6.03
CA ILE B 62 -5.38 -21.35 -5.33
C ILE B 62 -6.20 -20.08 -5.41
N PHE B 63 -6.18 -19.29 -4.35
CA PHE B 63 -6.88 -18.02 -4.34
C PHE B 63 -5.85 -16.93 -4.65
N SER B 64 -6.30 -15.81 -5.19
CA SER B 64 -5.38 -14.72 -5.47
C SER B 64 -5.63 -13.63 -4.44
N PRO B 65 -4.75 -12.63 -4.38
CA PRO B 65 -4.96 -11.55 -3.42
C PRO B 65 -6.29 -10.85 -3.77
N ALA B 66 -6.74 -9.93 -2.93
CA ALA B 66 -7.98 -9.24 -3.20
C ALA B 66 -7.77 -7.92 -3.93
N PHE B 67 -8.86 -7.39 -4.49
CA PHE B 67 -8.85 -6.11 -5.17
C PHE B 67 -10.25 -5.52 -5.11
N TYR B 68 -10.37 -4.24 -5.38
CA TYR B 68 -11.65 -3.55 -5.28
C TYR B 68 -12.08 -2.80 -6.52
N THR B 69 -13.36 -2.39 -6.54
CA THR B 69 -13.94 -1.64 -7.66
C THR B 69 -13.64 -0.14 -7.47
N SER B 70 -13.37 0.23 -6.22
CA SER B 70 -13.04 1.61 -5.84
C SER B 70 -12.49 1.54 -4.41
N ARG B 71 -11.91 2.64 -3.95
CA ARG B 71 -11.32 2.66 -2.62
C ARG B 71 -12.23 2.04 -1.60
N TYR B 72 -13.52 2.35 -1.68
CA TYR B 72 -14.46 1.79 -0.72
C TYR B 72 -15.53 0.91 -1.42
N GLY B 73 -15.15 0.33 -2.56
CA GLY B 73 -16.05 -0.50 -3.32
C GLY B 73 -16.06 -1.96 -2.88
N TYR B 74 -16.50 -2.85 -3.78
CA TYR B 74 -16.59 -4.29 -3.50
C TYR B 74 -15.21 -4.91 -3.40
N LYS B 75 -15.05 -5.87 -2.50
CA LYS B 75 -13.79 -6.57 -2.35
C LYS B 75 -13.98 -7.86 -3.13
N MET B 76 -12.97 -8.29 -3.88
CA MET B 76 -13.08 -9.50 -4.70
C MET B 76 -11.73 -10.20 -4.80
N CYS B 77 -11.72 -11.35 -5.46
CA CYS B 77 -10.49 -12.10 -5.68
C CYS B 77 -10.82 -13.23 -6.65
N LEU B 78 -9.80 -13.88 -7.21
CA LEU B 78 -10.02 -14.94 -8.16
C LEU B 78 -9.65 -16.28 -7.54
N ARG B 79 -10.01 -17.36 -8.21
CA ARG B 79 -9.66 -18.69 -7.73
C ARG B 79 -9.42 -19.59 -8.93
N ILE B 80 -8.25 -20.19 -8.98
CA ILE B 80 -7.91 -21.05 -10.11
C ILE B 80 -7.60 -22.50 -9.73
N TYR B 81 -8.03 -23.43 -10.60
CA TYR B 81 -7.75 -24.86 -10.43
C TYR B 81 -6.89 -25.20 -11.63
N LEU B 82 -5.58 -25.25 -11.44
CA LEU B 82 -4.69 -25.54 -12.56
C LEU B 82 -4.96 -26.87 -13.25
N ASN B 83 -5.88 -27.67 -12.70
CA ASN B 83 -6.19 -28.94 -13.33
C ASN B 83 -7.69 -29.19 -13.47
N GLY B 84 -8.48 -28.12 -13.46
CA GLY B 84 -9.91 -28.25 -13.65
C GLY B 84 -10.83 -28.53 -12.48
N ASP B 85 -12.07 -28.09 -12.63
CA ASP B 85 -13.13 -28.26 -11.63
C ASP B 85 -14.44 -28.51 -12.35
N GLY B 86 -15.32 -29.30 -11.74
CA GLY B 86 -16.60 -29.59 -12.35
C GLY B 86 -16.46 -30.22 -13.72
N THR B 87 -17.03 -29.58 -14.74
CA THR B 87 -17.00 -30.08 -16.11
C THR B 87 -15.62 -30.04 -16.77
N GLY B 88 -14.69 -29.28 -16.21
CA GLY B 88 -13.36 -29.20 -16.80
C GLY B 88 -12.25 -29.93 -16.08
N ARG B 89 -12.61 -30.79 -15.12
CA ARG B 89 -11.63 -31.55 -14.35
C ARG B 89 -10.70 -32.39 -15.23
N GLY B 90 -9.40 -32.20 -15.06
CA GLY B 90 -8.41 -32.95 -15.81
C GLY B 90 -8.27 -32.59 -17.28
N THR B 91 -9.10 -31.67 -17.77
CA THR B 91 -9.05 -31.28 -19.17
C THR B 91 -8.80 -29.79 -19.39
N HIS B 92 -9.41 -28.97 -18.53
CA HIS B 92 -9.30 -27.53 -18.62
C HIS B 92 -8.71 -26.86 -17.40
N LEU B 93 -8.46 -25.56 -17.55
CA LEU B 93 -7.94 -24.71 -16.50
C LEU B 93 -9.21 -23.99 -16.04
N SER B 94 -9.57 -24.14 -14.78
CA SER B 94 -10.79 -23.51 -14.27
C SER B 94 -10.54 -22.22 -13.50
N LEU B 95 -11.09 -21.11 -14.00
CA LEU B 95 -10.91 -19.81 -13.38
C LEU B 95 -12.24 -19.26 -12.84
N PHE B 96 -12.28 -18.86 -11.58
CA PHE B 96 -13.52 -18.32 -11.01
C PHE B 96 -13.39 -16.94 -10.37
N PHE B 97 -14.52 -16.26 -10.25
CA PHE B 97 -14.60 -14.92 -9.65
C PHE B 97 -15.20 -15.07 -8.26
N VAL B 98 -14.69 -14.31 -7.31
CA VAL B 98 -15.18 -14.38 -5.94
C VAL B 98 -15.54 -13.03 -5.33
N VAL B 99 -16.73 -12.93 -4.76
CA VAL B 99 -17.14 -11.70 -4.11
C VAL B 99 -16.82 -12.00 -2.65
N MET B 100 -16.01 -11.16 -2.03
CA MET B 100 -15.66 -11.39 -0.64
C MET B 100 -16.37 -10.39 0.24
N LYS B 101 -16.35 -10.66 1.54
CA LYS B 101 -16.97 -9.75 2.48
C LYS B 101 -16.04 -8.56 2.59
N GLY B 102 -16.56 -7.40 2.23
CA GLY B 102 -15.79 -6.18 2.27
C GLY B 102 -16.23 -5.34 3.43
N PRO B 103 -15.34 -4.50 3.99
CA PRO B 103 -15.66 -3.63 5.12
C PRO B 103 -16.75 -2.57 4.84
N ASN B 104 -17.10 -2.37 3.58
CA ASN B 104 -18.10 -1.35 3.23
C ASN B 104 -19.36 -1.94 2.61
N ASP B 105 -19.51 -3.26 2.67
CA ASP B 105 -20.67 -3.94 2.09
C ASP B 105 -22.02 -3.28 2.38
N ALA B 106 -22.18 -2.82 3.62
CA ALA B 106 -23.42 -2.17 4.04
C ALA B 106 -23.79 -0.95 3.19
N LEU B 107 -22.78 -0.31 2.62
CA LEU B 107 -22.98 0.89 1.81
C LEU B 107 -23.16 0.59 0.32
N LEU B 108 -23.00 -0.68 -0.05
CA LEU B 108 -23.12 -1.08 -1.46
C LEU B 108 -24.45 -1.70 -1.87
N ARG B 109 -24.78 -1.56 -3.15
CA ARG B 109 -26.02 -2.12 -3.68
C ARG B 109 -25.83 -3.60 -3.98
N TRP B 110 -26.82 -4.41 -3.64
CA TRP B 110 -26.77 -5.84 -3.89
C TRP B 110 -28.04 -6.30 -4.59
N PRO B 111 -27.97 -7.41 -5.33
CA PRO B 111 -26.80 -8.25 -5.57
C PRO B 111 -25.73 -7.60 -6.46
N PHE B 112 -24.53 -8.20 -6.49
CA PHE B 112 -23.41 -7.74 -7.29
C PHE B 112 -23.81 -7.91 -8.75
N ASN B 113 -23.77 -6.85 -9.55
CA ASN B 113 -24.17 -6.97 -10.95
C ASN B 113 -23.28 -6.24 -11.97
N GLN B 114 -21.98 -6.51 -11.89
CA GLN B 114 -21.01 -5.88 -12.79
C GLN B 114 -20.40 -6.92 -13.71
N LYS B 115 -20.22 -6.56 -14.98
CA LYS B 115 -19.65 -7.50 -15.93
C LYS B 115 -18.22 -7.77 -15.47
N VAL B 116 -17.76 -8.98 -15.72
CA VAL B 116 -16.42 -9.40 -15.34
C VAL B 116 -15.75 -10.05 -16.53
N THR B 117 -14.55 -9.61 -16.87
CA THR B 117 -13.83 -10.19 -17.99
C THR B 117 -12.61 -10.89 -17.42
N LEU B 118 -12.34 -12.08 -17.90
CA LEU B 118 -11.22 -12.86 -17.40
C LEU B 118 -10.34 -13.25 -18.56
N MET B 119 -9.02 -13.20 -18.36
CA MET B 119 -8.09 -13.56 -19.43
C MET B 119 -6.75 -14.12 -18.97
N LEU B 120 -6.17 -14.97 -19.82
CA LEU B 120 -4.88 -15.60 -19.61
C LEU B 120 -4.00 -14.94 -20.65
N LEU B 121 -3.12 -14.04 -20.18
CA LEU B 121 -2.25 -13.29 -21.07
C LEU B 121 -1.16 -14.07 -21.78
N ASP B 122 -1.13 -13.88 -23.10
CA ASP B 122 -0.13 -14.49 -23.96
C ASP B 122 1.07 -13.56 -23.83
N GLN B 123 2.16 -14.03 -23.25
CA GLN B 123 3.35 -13.22 -23.06
C GLN B 123 4.05 -12.83 -24.36
N ASN B 124 3.27 -12.85 -25.44
CA ASN B 124 3.72 -12.46 -26.79
C ASN B 124 2.67 -11.52 -27.36
N ASN B 125 1.74 -11.09 -26.50
CA ASN B 125 0.64 -10.21 -26.88
C ASN B 125 0.02 -10.55 -28.23
N ARG B 126 0.04 -11.83 -28.57
CA ARG B 126 -0.53 -12.31 -29.81
C ARG B 126 -2.00 -12.61 -29.58
N GLU B 127 -2.28 -13.83 -29.14
CA GLU B 127 -3.66 -14.23 -28.88
C GLU B 127 -3.91 -14.47 -27.41
N HIS B 128 -4.59 -13.54 -26.74
CA HIS B 128 -4.89 -13.72 -25.33
C HIS B 128 -6.13 -14.60 -25.15
N VAL B 129 -6.14 -15.38 -24.08
CA VAL B 129 -7.29 -16.22 -23.80
C VAL B 129 -8.24 -15.34 -22.99
N ILE B 130 -9.37 -14.96 -23.58
CA ILE B 130 -10.30 -14.11 -22.87
C ILE B 130 -11.69 -14.72 -22.77
N ASP B 131 -12.45 -14.28 -21.77
CA ASP B 131 -13.81 -14.76 -21.57
C ASP B 131 -14.44 -13.70 -20.66
N ALA B 132 -15.76 -13.57 -20.71
CA ALA B 132 -16.49 -12.57 -19.92
C ALA B 132 -17.88 -13.06 -19.56
N PHE B 133 -18.52 -12.39 -18.62
CA PHE B 133 -19.86 -12.79 -18.21
C PHE B 133 -20.54 -11.74 -17.35
N ARG B 134 -21.87 -11.83 -17.27
CA ARG B 134 -22.65 -10.92 -16.44
C ARG B 134 -23.19 -11.74 -15.31
N PRO B 135 -23.08 -11.24 -14.07
CA PRO B 135 -23.56 -11.96 -12.90
C PRO B 135 -24.96 -12.56 -13.01
N ASP B 136 -25.12 -13.71 -12.36
CA ASP B 136 -26.38 -14.42 -12.30
C ASP B 136 -27.03 -13.79 -11.05
N VAL B 137 -27.75 -12.70 -11.25
CA VAL B 137 -28.41 -11.95 -10.18
C VAL B 137 -29.07 -12.75 -9.06
N THR B 138 -29.63 -13.91 -9.38
CA THR B 138 -30.29 -14.71 -8.37
C THR B 138 -29.33 -15.69 -7.69
N SER B 139 -28.16 -15.91 -8.29
CA SER B 139 -27.18 -16.83 -7.72
C SER B 139 -26.65 -16.35 -6.39
N SER B 140 -26.41 -17.27 -5.47
CA SER B 140 -25.90 -16.90 -4.15
C SER B 140 -24.51 -16.26 -4.25
N SER B 141 -23.82 -16.52 -5.36
CA SER B 141 -22.49 -15.99 -5.60
C SER B 141 -22.44 -14.47 -5.64
N PHE B 142 -23.57 -13.82 -5.93
CA PHE B 142 -23.56 -12.37 -6.01
C PHE B 142 -24.46 -11.65 -5.03
N GLN B 143 -24.85 -12.33 -3.95
CA GLN B 143 -25.68 -11.72 -2.92
C GLN B 143 -24.70 -11.13 -1.89
N ARG B 144 -25.18 -10.22 -1.04
CA ARG B 144 -24.29 -9.66 -0.03
C ARG B 144 -23.69 -10.80 0.79
N PRO B 145 -22.36 -10.85 0.89
CA PRO B 145 -21.63 -11.90 1.63
C PRO B 145 -21.97 -12.00 3.12
N VAL B 146 -22.08 -13.25 3.58
CA VAL B 146 -22.37 -13.56 4.98
C VAL B 146 -21.08 -14.11 5.55
N ASN B 147 -20.36 -14.85 4.72
CA ASN B 147 -19.09 -15.45 5.14
C ASN B 147 -17.95 -14.58 4.62
N ASP B 148 -16.74 -15.09 4.72
CA ASP B 148 -15.58 -14.36 4.24
C ASP B 148 -15.71 -14.29 2.74
N MET B 149 -16.08 -15.42 2.13
CA MET B 149 -16.22 -15.51 0.68
C MET B 149 -17.50 -16.22 0.26
N ASN B 150 -18.07 -15.80 -0.86
CA ASN B 150 -19.24 -16.48 -1.39
C ASN B 150 -18.71 -17.64 -2.22
N ILE B 151 -19.62 -18.33 -2.89
CA ILE B 151 -19.26 -19.45 -3.73
C ILE B 151 -18.68 -18.88 -5.03
N ALA B 152 -17.47 -19.32 -5.38
CA ALA B 152 -16.84 -18.86 -6.61
C ALA B 152 -17.72 -19.20 -7.80
N SER B 153 -17.73 -18.30 -8.78
CA SER B 153 -18.53 -18.51 -9.98
C SER B 153 -17.79 -17.95 -11.20
N GLY B 154 -17.68 -18.76 -12.25
CA GLY B 154 -16.99 -18.30 -13.43
C GLY B 154 -16.93 -19.27 -14.60
N CYS B 155 -15.72 -19.49 -15.09
CA CYS B 155 -15.46 -20.33 -16.25
C CYS B 155 -14.75 -21.65 -15.97
N PRO B 156 -15.51 -22.70 -15.62
CA PRO B 156 -14.87 -23.99 -15.35
C PRO B 156 -14.10 -24.59 -16.54
N LEU B 157 -14.44 -24.13 -17.75
CA LEU B 157 -13.78 -24.60 -18.97
C LEU B 157 -13.06 -23.42 -19.65
N PHE B 158 -12.39 -22.60 -18.83
CA PHE B 158 -11.68 -21.42 -19.32
C PHE B 158 -10.65 -21.68 -20.42
N CYS B 159 -9.72 -22.58 -20.16
CA CYS B 159 -8.66 -22.88 -21.11
C CYS B 159 -8.17 -24.32 -21.03
N PRO B 160 -8.09 -25.02 -22.18
CA PRO B 160 -7.63 -26.41 -22.27
C PRO B 160 -6.23 -26.55 -21.69
N VAL B 161 -6.05 -27.53 -20.82
CA VAL B 161 -4.75 -27.76 -20.20
C VAL B 161 -3.65 -27.84 -21.23
N SER B 162 -3.96 -28.52 -22.34
CA SER B 162 -3.00 -28.68 -23.42
C SER B 162 -2.54 -27.36 -24.05
N LYS B 163 -3.47 -26.43 -24.23
CA LYS B 163 -3.13 -25.15 -24.84
C LYS B 163 -1.97 -24.48 -24.10
N MET B 164 -2.18 -24.15 -22.82
CA MET B 164 -1.10 -23.53 -22.06
C MET B 164 0.00 -24.58 -21.89
N GLU B 165 0.39 -24.84 -20.64
CA GLU B 165 1.41 -25.82 -20.32
C GLU B 165 2.34 -26.08 -21.52
N ALA B 166 1.96 -27.05 -22.35
CA ALA B 166 2.73 -27.43 -23.54
C ALA B 166 3.93 -26.51 -23.81
N LYS B 167 3.68 -25.41 -24.52
CA LYS B 167 4.72 -24.43 -24.83
C LYS B 167 4.04 -23.09 -25.01
N ASN B 168 3.79 -22.74 -26.27
CA ASN B 168 3.15 -21.47 -26.59
C ASN B 168 3.86 -20.30 -25.93
N SER B 169 3.09 -19.31 -25.51
CA SER B 169 3.65 -18.14 -24.88
C SER B 169 2.91 -17.79 -23.59
N TYR B 170 1.98 -18.65 -23.18
CA TYR B 170 1.25 -18.39 -21.95
C TYR B 170 2.15 -18.65 -20.75
N VAL B 171 2.97 -19.68 -20.85
CA VAL B 171 3.89 -20.00 -19.76
C VAL B 171 5.27 -19.60 -20.26
N ARG B 172 5.98 -18.79 -19.49
CA ARG B 172 7.31 -18.37 -19.88
C ARG B 172 8.07 -18.08 -18.59
N ASP B 173 9.26 -18.64 -18.46
CA ASP B 173 10.06 -18.49 -17.27
C ASP B 173 9.26 -18.92 -16.04
N ASP B 174 8.71 -20.13 -16.17
CA ASP B 174 7.91 -20.78 -15.15
C ASP B 174 6.99 -19.82 -14.38
N ALA B 175 6.07 -19.22 -15.12
CA ALA B 175 5.12 -18.28 -14.55
C ALA B 175 4.08 -17.86 -15.60
N ILE B 176 2.87 -17.54 -15.14
CA ILE B 176 1.83 -17.10 -16.03
C ILE B 176 1.19 -15.82 -15.48
N PHE B 177 0.39 -15.17 -16.30
CA PHE B 177 -0.30 -13.95 -15.87
C PHE B 177 -1.78 -14.04 -16.16
N ILE B 178 -2.59 -13.91 -15.11
CA ILE B 178 -4.04 -13.96 -15.21
C ILE B 178 -4.54 -12.51 -15.02
N LYS B 179 -5.53 -12.11 -15.81
CA LYS B 179 -6.04 -10.76 -15.69
C LYS B 179 -7.57 -10.70 -15.53
N ALA B 180 -8.03 -9.77 -14.70
CA ALA B 180 -9.46 -9.61 -14.53
C ALA B 180 -9.79 -8.15 -14.70
N ILE B 181 -10.94 -7.88 -15.29
CA ILE B 181 -11.38 -6.51 -15.48
C ILE B 181 -12.85 -6.48 -15.12
N VAL B 182 -13.14 -5.70 -14.09
CA VAL B 182 -14.50 -5.53 -13.60
C VAL B 182 -15.06 -4.23 -14.14
N ASP B 183 -16.16 -4.33 -14.88
CA ASP B 183 -16.80 -3.17 -15.47
C ASP B 183 -17.39 -2.33 -14.35
N LEU B 184 -17.10 -1.03 -14.39
CA LEU B 184 -17.56 -0.11 -13.36
C LEU B 184 -18.85 0.67 -13.70
N THR B 185 -19.41 0.43 -14.89
CA THR B 185 -20.65 1.09 -15.30
C THR B 185 -21.64 1.01 -14.15
N GLY B 186 -22.27 2.14 -13.84
CA GLY B 186 -23.23 2.16 -12.76
C GLY B 186 -22.64 2.48 -11.39
N LEU B 187 -21.37 2.17 -11.20
CA LEU B 187 -20.73 2.45 -9.92
C LEU B 187 -20.08 3.83 -9.99
N GLU C 1 21.65 -15.31 37.07
CA GLU C 1 23.03 -15.77 37.39
C GLU C 1 23.50 -16.83 36.40
N ALA C 2 24.35 -16.42 35.46
CA ALA C 2 24.90 -17.30 34.42
C ALA C 2 23.84 -17.58 33.35
N LEU C 3 23.39 -18.83 33.28
CA LEU C 3 22.37 -19.22 32.32
C LEU C 3 21.10 -18.44 32.66
N SER C 4 20.80 -18.35 33.95
CA SER C 4 19.61 -17.63 34.43
C SER C 4 19.65 -16.19 33.93
N SER C 5 20.85 -15.68 33.69
CA SER C 5 21.04 -14.31 33.21
C SER C 5 20.84 -14.27 31.69
N LYS C 6 21.47 -15.19 30.96
CA LYS C 6 21.35 -15.26 29.50
C LYS C 6 19.94 -15.69 29.09
N VAL C 7 19.17 -16.16 30.07
CA VAL C 7 17.80 -16.59 29.85
C VAL C 7 16.82 -15.41 29.93
N GLN C 8 17.19 -14.39 30.70
CA GLN C 8 16.35 -13.19 30.83
C GLN C 8 16.61 -12.33 29.60
N GLN C 9 17.85 -12.34 29.14
CA GLN C 9 18.24 -11.58 27.96
C GLN C 9 17.48 -12.16 26.74
N LEU C 10 17.38 -13.49 26.71
CA LEU C 10 16.68 -14.18 25.63
C LEU C 10 15.18 -13.83 25.64
N GLU C 11 14.56 -13.87 26.82
CA GLU C 11 13.14 -13.55 26.99
C GLU C 11 12.90 -12.11 26.59
N ARG C 12 13.92 -11.29 26.82
CA ARG C 12 13.89 -9.88 26.49
C ARG C 12 13.76 -9.69 24.98
N SER C 13 14.83 -10.04 24.26
CA SER C 13 14.86 -9.91 22.81
C SER C 13 13.66 -10.52 22.10
N ILE C 14 13.01 -11.48 22.75
CA ILE C 14 11.82 -12.12 22.19
C ILE C 14 10.63 -11.16 22.23
N GLY C 15 10.33 -10.63 23.41
CA GLY C 15 9.22 -9.71 23.58
C GLY C 15 9.50 -8.39 22.87
N LEU C 16 10.78 -8.12 22.65
CA LEU C 16 11.21 -6.89 21.99
C LEU C 16 10.79 -7.05 20.52
N LYS C 17 11.07 -8.23 19.97
CA LYS C 17 10.71 -8.55 18.59
C LYS C 17 9.17 -8.54 18.49
N ASP C 18 8.51 -9.11 19.49
CA ASP C 18 7.04 -9.15 19.54
C ASP C 18 6.44 -7.75 19.51
N LEU C 19 7.17 -6.78 20.05
CA LEU C 19 6.72 -5.40 20.10
C LEU C 19 6.93 -4.71 18.75
N ALA C 20 8.08 -4.94 18.13
CA ALA C 20 8.38 -4.35 16.83
C ALA C 20 7.40 -4.94 15.83
N MET C 21 7.09 -6.21 16.01
CA MET C 21 6.15 -6.87 15.11
C MET C 21 4.77 -6.25 15.29
N ALA C 22 4.39 -5.95 16.52
CA ALA C 22 3.09 -5.33 16.76
C ALA C 22 3.11 -3.88 16.27
N ASP C 23 4.24 -3.20 16.47
CA ASP C 23 4.39 -1.82 16.01
C ASP C 23 4.17 -1.82 14.50
N LEU C 24 4.83 -2.75 13.80
CA LEU C 24 4.72 -2.86 12.36
C LEU C 24 3.34 -3.29 11.85
N GLU C 25 2.63 -4.12 12.62
CA GLU C 25 1.28 -4.54 12.22
C GLU C 25 0.41 -3.29 12.11
N GLN C 26 0.62 -2.35 13.03
CA GLN C 26 -0.14 -1.09 13.06
C GLN C 26 0.22 -0.20 11.89
N LYS C 27 1.52 -0.05 11.62
CA LYS C 27 1.96 0.75 10.50
C LYS C 27 1.24 0.23 9.27
N VAL C 28 1.22 -1.10 9.12
CA VAL C 28 0.57 -1.77 8.01
C VAL C 28 -0.89 -1.34 7.99
N LEU C 29 -1.57 -1.50 9.12
CA LEU C 29 -2.98 -1.12 9.24
C LEU C 29 -3.22 0.37 8.93
N GLU C 30 -2.28 1.23 9.31
CA GLU C 30 -2.39 2.66 9.05
C GLU C 30 -2.27 2.97 7.55
N MET C 31 -1.37 2.26 6.86
CA MET C 31 -1.17 2.43 5.41
C MET C 31 -2.37 1.88 4.66
N GLU C 32 -2.98 0.87 5.23
CA GLU C 32 -4.12 0.20 4.66
C GLU C 32 -5.38 1.10 4.63
N ALA C 33 -5.42 2.11 5.51
CA ALA C 33 -6.57 3.01 5.58
C ALA C 33 -6.40 4.38 4.93
N SER C 34 -5.17 4.76 4.59
CA SER C 34 -4.96 6.06 3.98
C SER C 34 -5.44 6.19 2.54
N THR C 35 -5.85 7.40 2.18
CA THR C 35 -6.32 7.71 0.85
C THR C 35 -5.56 8.97 0.41
N TYR C 36 -5.51 9.22 -0.89
CA TYR C 36 -4.80 10.38 -1.40
C TYR C 36 -5.63 11.24 -2.33
N ASP C 37 -6.95 11.19 -2.15
CA ASP C 37 -7.84 11.99 -2.99
C ASP C 37 -8.68 13.03 -2.22
N GLY C 38 -8.57 13.02 -0.89
CA GLY C 38 -9.32 13.97 -0.09
C GLY C 38 -10.58 13.35 0.50
N VAL C 39 -10.94 12.17 0.03
CA VAL C 39 -12.14 11.50 0.54
C VAL C 39 -11.70 10.40 1.49
N PHE C 40 -12.39 10.29 2.62
CA PHE C 40 -12.06 9.31 3.62
C PHE C 40 -13.35 8.77 4.23
N ILE C 41 -13.43 7.46 4.42
CA ILE C 41 -14.61 6.83 5.02
C ILE C 41 -14.11 6.01 6.18
N TRP C 42 -14.47 6.45 7.39
CA TRP C 42 -14.06 5.80 8.61
C TRP C 42 -15.18 5.00 9.28
N LYS C 43 -14.93 3.70 9.39
CA LYS C 43 -15.86 2.77 10.01
C LYS C 43 -15.40 2.46 11.43
N ILE C 44 -16.28 2.71 12.39
CA ILE C 44 -15.96 2.46 13.80
C ILE C 44 -16.78 1.25 14.26
N SER C 45 -16.09 0.16 14.58
CA SER C 45 -16.75 -1.06 15.05
C SER C 45 -16.85 -1.05 16.57
N ASP C 46 -17.55 -2.05 17.11
CA ASP C 46 -17.74 -2.14 18.55
C ASP C 46 -18.27 -0.79 19.03
N PHE C 47 -19.21 -0.24 18.26
CA PHE C 47 -19.81 1.05 18.58
C PHE C 47 -20.34 1.13 20.02
N PRO C 48 -21.15 0.16 20.41
CA PRO C 48 -21.73 0.10 21.75
C PRO C 48 -20.68 0.29 22.85
N ARG C 49 -19.71 -0.62 22.86
CA ARG C 49 -18.61 -0.60 23.84
C ARG C 49 -17.90 0.74 23.89
N LYS C 50 -17.62 1.31 22.71
CA LYS C 50 -16.94 2.58 22.59
C LYS C 50 -17.79 3.80 22.94
N ARG C 51 -19.11 3.66 22.89
CA ARG C 51 -19.99 4.76 23.26
C ARG C 51 -19.97 4.82 24.78
N GLN C 52 -20.07 3.66 25.40
CA GLN C 52 -20.07 3.58 26.84
C GLN C 52 -18.79 4.19 27.42
N GLU C 53 -17.64 3.73 26.92
CA GLU C 53 -16.34 4.23 27.37
C GLU C 53 -16.28 5.76 27.34
N ALA C 54 -17.06 6.37 26.46
CA ALA C 54 -17.10 7.83 26.36
C ALA C 54 -17.92 8.38 27.51
N VAL C 55 -19.08 7.79 27.74
CA VAL C 55 -19.98 8.19 28.81
C VAL C 55 -19.32 7.94 30.18
N ALA C 56 -18.59 6.83 30.26
CA ALA C 56 -17.89 6.47 31.49
C ALA C 56 -16.59 7.25 31.62
N GLY C 57 -16.49 8.33 30.85
CA GLY C 57 -15.31 9.19 30.87
C GLY C 57 -13.98 8.54 30.50
N ARG C 58 -13.88 7.22 30.63
CA ARG C 58 -12.66 6.50 30.30
C ARG C 58 -12.02 6.93 28.98
N ILE C 59 -12.75 6.80 27.87
CA ILE C 59 -12.23 7.22 26.57
C ILE C 59 -13.13 8.27 25.96
N PRO C 60 -12.83 9.55 26.23
CA PRO C 60 -13.59 10.70 25.72
C PRO C 60 -13.65 10.78 24.19
N ALA C 61 -12.48 10.65 23.55
CA ALA C 61 -12.39 10.74 22.09
C ALA C 61 -11.44 9.72 21.45
N ILE C 62 -11.59 9.56 20.14
CA ILE C 62 -10.76 8.63 19.36
C ILE C 62 -10.29 9.31 18.07
N PHE C 63 -9.06 9.01 17.68
CA PHE C 63 -8.47 9.54 16.45
C PHE C 63 -8.63 8.50 15.36
N SER C 64 -8.76 8.96 14.11
CA SER C 64 -8.87 8.05 12.98
C SER C 64 -7.51 8.00 12.27
N PRO C 65 -7.32 7.00 11.41
CA PRO C 65 -6.03 6.94 10.70
C PRO C 65 -5.91 8.22 9.87
N ALA C 66 -4.78 8.41 9.19
CA ALA C 66 -4.58 9.62 8.39
C ALA C 66 -4.90 9.47 6.88
N PHE C 67 -5.09 10.60 6.21
CA PHE C 67 -5.34 10.58 4.78
C PHE C 67 -4.81 11.89 4.19
N TYR C 68 -4.66 11.95 2.88
CA TYR C 68 -4.11 13.13 2.25
C TYR C 68 -4.98 13.75 1.15
N THR C 69 -4.61 14.96 0.73
CA THR C 69 -5.33 15.67 -0.32
C THR C 69 -4.80 15.26 -1.69
N SER C 70 -3.64 14.61 -1.69
CA SER C 70 -2.98 14.14 -2.91
C SER C 70 -1.79 13.28 -2.48
N ARG C 71 -1.11 12.65 -3.43
CA ARG C 71 0.01 11.79 -3.05
C ARG C 71 1.05 12.47 -2.16
N TYR C 72 1.23 13.79 -2.35
CA TYR C 72 2.19 14.57 -1.56
C TYR C 72 1.56 15.84 -1.00
N GLY C 73 0.27 15.77 -0.68
CA GLY C 73 -0.40 16.95 -0.16
C GLY C 73 -0.46 16.98 1.35
N TYR C 74 -1.46 17.66 1.88
CA TYR C 74 -1.67 17.78 3.32
C TYR C 74 -2.00 16.45 3.97
N LYS C 75 -1.51 16.25 5.20
CA LYS C 75 -1.81 15.04 5.95
C LYS C 75 -2.92 15.44 6.91
N MET C 76 -3.94 14.60 7.06
CA MET C 76 -5.05 14.94 7.94
C MET C 76 -5.61 13.70 8.60
N CYS C 77 -6.46 13.91 9.60
CA CYS C 77 -7.14 12.80 10.26
C CYS C 77 -8.35 13.38 10.98
N LEU C 78 -9.24 12.52 11.46
CA LEU C 78 -10.43 12.98 12.15
C LEU C 78 -10.41 12.56 13.63
N ARG C 79 -11.25 13.23 14.42
CA ARG C 79 -11.37 12.93 15.84
C ARG C 79 -12.84 13.04 16.24
N ILE C 80 -13.30 12.04 16.99
CA ILE C 80 -14.69 12.01 17.40
C ILE C 80 -14.87 11.62 18.86
N TYR C 81 -15.79 12.31 19.54
CA TYR C 81 -16.14 12.03 20.93
C TYR C 81 -17.54 11.46 20.81
N LEU C 82 -17.69 10.16 21.07
CA LEU C 82 -19.00 9.52 20.96
C LEU C 82 -20.03 9.95 22.00
N ASN C 83 -19.70 10.94 22.82
CA ASN C 83 -20.64 11.42 23.83
C ASN C 83 -20.58 12.92 24.03
N GLY C 84 -19.87 13.62 23.16
CA GLY C 84 -19.81 15.07 23.28
C GLY C 84 -18.52 15.71 23.76
N ASP C 85 -18.34 16.96 23.38
CA ASP C 85 -17.19 17.78 23.71
C ASP C 85 -17.58 19.26 23.61
N GLY C 86 -17.14 20.05 24.60
CA GLY C 86 -17.44 21.47 24.60
C GLY C 86 -18.92 21.73 24.81
N THR C 87 -19.52 22.44 23.88
CA THR C 87 -20.95 22.77 23.98
C THR C 87 -21.91 21.57 23.94
N GLY C 88 -21.55 20.49 23.26
CA GLY C 88 -22.45 19.34 23.19
C GLY C 88 -22.08 18.17 24.07
N ARG C 89 -21.19 18.38 25.04
CA ARG C 89 -20.77 17.30 25.94
C ARG C 89 -21.94 16.55 26.59
N GLY C 90 -22.02 15.25 26.36
CA GLY C 90 -23.09 14.45 26.94
C GLY C 90 -24.44 14.56 26.26
N THR C 91 -24.49 15.31 25.16
CA THR C 91 -25.74 15.50 24.40
C THR C 91 -25.56 15.25 22.90
N HIS C 92 -24.51 15.85 22.35
CA HIS C 92 -24.17 15.73 20.93
C HIS C 92 -22.94 14.88 20.62
N LEU C 93 -22.84 14.50 19.35
CA LEU C 93 -21.70 13.73 18.87
C LEU C 93 -20.75 14.79 18.33
N SER C 94 -19.54 14.83 18.87
CA SER C 94 -18.54 15.82 18.42
C SER C 94 -17.55 15.23 17.41
N LEU C 95 -17.54 15.78 16.21
CA LEU C 95 -16.65 15.30 15.16
C LEU C 95 -15.71 16.44 14.73
N PHE C 96 -14.40 16.18 14.73
CA PHE C 96 -13.45 17.21 14.35
C PHE C 96 -12.43 16.84 13.27
N PHE C 97 -12.00 17.86 12.52
CA PHE C 97 -11.02 17.76 11.44
C PHE C 97 -9.65 18.18 11.98
N VAL C 98 -8.62 17.40 11.67
CA VAL C 98 -7.30 17.73 12.17
C VAL C 98 -6.27 17.86 11.05
N VAL C 99 -5.50 18.95 11.05
CA VAL C 99 -4.43 19.12 10.08
C VAL C 99 -3.19 18.55 10.78
N MET C 100 -2.66 17.44 10.28
CA MET C 100 -1.48 16.84 10.91
C MET C 100 -0.23 17.30 10.23
N LYS C 101 0.94 17.03 10.83
CA LYS C 101 2.21 17.41 10.23
C LYS C 101 2.50 16.39 9.14
N GLY C 102 2.68 16.88 7.92
CA GLY C 102 2.96 15.97 6.83
C GLY C 102 4.40 16.06 6.38
N PRO C 103 4.92 14.98 5.77
CA PRO C 103 6.29 14.95 5.29
C PRO C 103 6.61 15.94 4.19
N ASN C 104 5.59 16.61 3.66
CA ASN C 104 5.80 17.55 2.57
C ASN C 104 5.32 18.96 2.86
N ASP C 105 5.02 19.28 4.12
CA ASP C 105 4.53 20.62 4.48
C ASP C 105 5.35 21.77 3.89
N ALA C 106 6.66 21.63 3.88
CA ALA C 106 7.48 22.70 3.30
C ALA C 106 7.08 23.07 1.85
N LEU C 107 6.51 22.14 1.09
CA LEU C 107 6.12 22.42 -0.31
C LEU C 107 4.69 22.96 -0.48
N LEU C 108 3.90 22.90 0.59
CA LEU C 108 2.53 23.34 0.55
C LEU C 108 2.28 24.78 0.97
N ARG C 109 1.15 25.33 0.51
CA ARG C 109 0.77 26.68 0.83
C ARG C 109 0.05 26.64 2.18
N TRP C 110 0.29 27.68 2.99
CA TRP C 110 -0.33 27.79 4.30
C TRP C 110 -0.83 29.21 4.52
N PRO C 111 -1.88 29.40 5.34
CA PRO C 111 -2.62 28.38 6.08
C PRO C 111 -3.54 27.49 5.22
N PHE C 112 -3.93 26.36 5.82
CA PHE C 112 -4.82 25.40 5.18
C PHE C 112 -6.10 26.19 4.90
N ASN C 113 -6.61 26.10 3.69
CA ASN C 113 -7.82 26.84 3.36
C ASN C 113 -8.67 26.06 2.36
N GLN C 114 -9.12 24.88 2.77
CA GLN C 114 -9.92 24.03 1.90
C GLN C 114 -11.23 23.66 2.58
N LYS C 115 -12.32 23.72 1.82
CA LYS C 115 -13.62 23.38 2.36
C LYS C 115 -13.58 21.96 2.90
N VAL C 116 -14.17 21.74 4.07
CA VAL C 116 -14.19 20.41 4.64
C VAL C 116 -15.62 19.99 4.96
N THR C 117 -16.05 18.89 4.34
CA THR C 117 -17.39 18.38 4.53
C THR C 117 -17.37 17.12 5.40
N LEU C 118 -18.18 17.09 6.46
CA LEU C 118 -18.24 15.94 7.36
C LEU C 118 -19.62 15.30 7.34
N MET C 119 -19.64 13.97 7.36
CA MET C 119 -20.88 13.21 7.31
C MET C 119 -20.94 11.99 8.22
N LEU C 120 -22.16 11.66 8.62
CA LEU C 120 -22.44 10.47 9.43
C LEU C 120 -23.37 9.68 8.50
N LEU C 121 -22.80 8.69 7.83
CA LEU C 121 -23.58 7.92 6.86
C LEU C 121 -24.75 7.11 7.39
N ASP C 122 -25.86 7.20 6.66
CA ASP C 122 -27.08 6.46 6.97
C ASP C 122 -26.97 5.17 6.18
N GLN C 123 -26.89 4.05 6.89
CA GLN C 123 -26.75 2.76 6.26
C GLN C 123 -28.01 2.29 5.52
N ASN C 124 -28.83 3.27 5.16
CA ASN C 124 -30.08 3.08 4.43
C ASN C 124 -30.09 4.06 3.27
N ASN C 125 -29.02 4.85 3.18
CA ASN C 125 -28.87 5.88 2.16
C ASN C 125 -30.03 6.87 2.11
N ARG C 126 -30.72 6.97 3.23
CA ARG C 126 -31.86 7.87 3.37
C ARG C 126 -31.36 9.28 3.69
N GLU C 127 -31.36 9.63 4.98
CA GLU C 127 -30.96 10.96 5.40
C GLU C 127 -29.60 11.02 6.11
N HIS C 128 -28.53 11.28 5.34
CA HIS C 128 -27.20 11.37 5.92
C HIS C 128 -27.07 12.61 6.78
N VAL C 129 -26.24 12.52 7.82
CA VAL C 129 -25.98 13.65 8.73
C VAL C 129 -24.77 14.41 8.15
N ILE C 130 -25.03 15.49 7.41
CA ILE C 130 -23.96 16.25 6.78
C ILE C 130 -23.78 17.70 7.22
N ASP C 131 -22.52 18.13 7.26
CA ASP C 131 -22.19 19.49 7.64
C ASP C 131 -20.94 19.83 6.84
N ALA C 132 -20.61 21.11 6.73
CA ALA C 132 -19.45 21.56 5.96
C ALA C 132 -18.99 22.90 6.50
N PHE C 133 -17.77 23.31 6.13
CA PHE C 133 -17.23 24.59 6.57
C PHE C 133 -15.95 25.01 5.85
N ARG C 134 -15.57 26.27 6.02
CA ARG C 134 -14.34 26.77 5.45
C ARG C 134 -13.45 27.14 6.62
N PRO C 135 -12.19 26.66 6.61
CA PRO C 135 -11.25 26.94 7.69
C PRO C 135 -11.13 28.42 8.09
N ASP C 136 -10.97 28.63 9.39
CA ASP C 136 -10.81 29.97 9.96
C ASP C 136 -9.32 30.32 9.83
N VAL C 137 -8.96 30.87 8.68
CA VAL C 137 -7.59 31.26 8.37
C VAL C 137 -6.72 31.84 9.49
N THR C 138 -7.34 32.50 10.46
CA THR C 138 -6.57 33.09 11.57
C THR C 138 -6.49 32.12 12.75
N SER C 139 -7.07 30.94 12.58
CA SER C 139 -7.08 29.92 13.61
C SER C 139 -5.77 29.16 13.55
N SER C 140 -5.24 28.80 14.72
CA SER C 140 -3.99 28.07 14.78
C SER C 140 -4.19 26.66 14.22
N SER C 141 -5.45 26.22 14.19
CA SER C 141 -5.78 24.90 13.66
C SER C 141 -5.43 24.72 12.20
N PHE C 142 -5.15 25.82 11.49
CA PHE C 142 -4.84 25.70 10.06
C PHE C 142 -3.54 26.34 9.64
N GLN C 143 -2.63 26.55 10.58
CA GLN C 143 -1.34 27.13 10.23
C GLN C 143 -0.48 25.91 9.93
N ARG C 144 0.69 26.11 9.35
CA ARG C 144 1.54 24.97 9.11
C ARG C 144 1.82 24.36 10.50
N PRO C 145 1.69 23.03 10.64
CA PRO C 145 1.93 22.37 11.93
C PRO C 145 3.34 22.46 12.51
N VAL C 146 3.40 22.54 13.84
CA VAL C 146 4.67 22.58 14.58
C VAL C 146 4.77 21.27 15.37
N ASN C 147 3.62 20.77 15.81
CA ASN C 147 3.55 19.51 16.54
C ASN C 147 3.08 18.40 15.59
N ASP C 148 2.81 17.21 16.13
CA ASP C 148 2.36 16.11 15.29
C ASP C 148 0.98 16.48 14.75
N MET C 149 0.22 17.21 15.56
CA MET C 149 -1.13 17.61 15.18
C MET C 149 -1.46 19.01 15.68
N ASN C 150 -2.32 19.70 14.96
CA ASN C 150 -2.79 21.01 15.41
C ASN C 150 -4.03 20.71 16.22
N ILE C 151 -4.55 21.74 16.87
CA ILE C 151 -5.77 21.61 17.66
C ILE C 151 -6.91 21.29 16.69
N ALA C 152 -7.66 20.23 17.00
CA ALA C 152 -8.78 19.82 16.16
C ALA C 152 -9.82 20.95 16.10
N SER C 153 -10.48 21.04 14.96
CA SER C 153 -11.47 22.08 14.75
C SER C 153 -12.64 21.49 13.98
N GLY C 154 -13.86 21.71 14.47
CA GLY C 154 -15.00 21.15 13.76
C GLY C 154 -16.42 21.43 14.22
N CYS C 155 -17.18 20.35 14.41
CA CYS C 155 -18.57 20.41 14.80
C CYS C 155 -18.78 19.73 16.15
N PRO C 156 -18.80 20.53 17.24
CA PRO C 156 -19.00 20.04 18.61
C PRO C 156 -20.41 19.46 18.73
N LEU C 157 -21.35 20.12 18.07
CA LEU C 157 -22.75 19.70 18.05
C LEU C 157 -23.04 19.16 16.66
N PHE C 158 -22.46 18.01 16.32
CA PHE C 158 -22.65 17.42 14.99
C PHE C 158 -23.96 16.65 14.87
N CYS C 159 -24.13 15.65 15.73
CA CYS C 159 -25.33 14.81 15.69
C CYS C 159 -25.78 14.47 17.12
N PRO C 160 -27.05 14.78 17.45
CA PRO C 160 -27.59 14.51 18.79
C PRO C 160 -27.41 13.04 19.17
N VAL C 161 -26.86 12.78 20.36
CA VAL C 161 -26.64 11.42 20.80
C VAL C 161 -27.86 10.53 20.55
N SER C 162 -29.03 11.08 20.81
CA SER C 162 -30.29 10.37 20.63
C SER C 162 -30.53 9.98 19.16
N LYS C 163 -30.37 10.96 18.28
CA LYS C 163 -30.56 10.78 16.84
C LYS C 163 -29.92 9.46 16.42
N MET C 164 -28.61 9.31 16.66
CA MET C 164 -27.93 8.06 16.31
C MET C 164 -28.38 7.00 17.33
N GLU C 165 -27.41 6.38 18.01
CA GLU C 165 -27.67 5.36 19.02
C GLU C 165 -29.06 4.73 18.86
N ALA C 166 -30.03 5.29 19.58
CA ALA C 166 -31.43 4.83 19.58
C ALA C 166 -31.71 3.63 18.65
N LYS C 167 -31.70 3.87 17.35
CA LYS C 167 -31.94 2.82 16.37
C LYS C 167 -31.63 3.39 14.99
N ASN C 168 -32.69 3.91 14.34
CA ASN C 168 -32.59 4.49 12.99
C ASN C 168 -31.86 3.59 12.01
N SER C 169 -30.84 4.14 11.35
CA SER C 169 -30.09 3.39 10.37
C SER C 169 -28.61 3.76 10.42
N TYR C 170 -28.24 4.67 11.32
CA TYR C 170 -26.84 5.08 11.43
C TYR C 170 -26.03 3.97 12.10
N VAL C 171 -26.64 3.30 13.07
CA VAL C 171 -25.97 2.20 13.74
C VAL C 171 -26.59 0.90 13.26
N ARG C 172 -25.74 -0.02 12.81
CA ARG C 172 -26.19 -1.30 12.30
C ARG C 172 -25.06 -2.29 12.49
N ASP C 173 -25.40 -3.48 12.98
CA ASP C 173 -24.42 -4.53 13.24
C ASP C 173 -23.25 -3.96 14.05
N ASP C 174 -23.60 -3.23 15.11
CA ASP C 174 -22.67 -2.57 16.01
C ASP C 174 -21.48 -1.90 15.31
N ALA C 175 -21.82 -0.98 14.40
CA ALA C 175 -20.84 -0.22 13.62
C ALA C 175 -21.47 0.96 12.89
N ILE C 176 -20.66 1.98 12.62
CA ILE C 176 -21.10 3.18 11.92
C ILE C 176 -20.02 3.61 10.93
N PHE C 177 -20.37 4.52 10.04
CA PHE C 177 -19.41 5.03 9.09
C PHE C 177 -19.42 6.54 9.13
N ILE C 178 -18.22 7.12 9.18
CA ILE C 178 -18.05 8.57 9.17
C ILE C 178 -17.37 8.88 7.83
N LYS C 179 -17.74 9.97 7.18
CA LYS C 179 -17.10 10.29 5.91
C LYS C 179 -16.60 11.73 5.86
N ALA C 180 -15.47 11.94 5.19
CA ALA C 180 -14.93 13.28 5.09
C ALA C 180 -14.58 13.57 3.65
N ILE C 181 -14.85 14.79 3.21
CA ILE C 181 -14.55 15.18 1.85
C ILE C 181 -13.87 16.52 1.95
N VAL C 182 -12.66 16.59 1.41
CA VAL C 182 -11.89 17.83 1.46
C VAL C 182 -11.87 18.40 0.06
N ASP C 183 -12.47 19.57 -0.10
CA ASP C 183 -12.52 20.21 -1.41
C ASP C 183 -11.08 20.36 -1.91
N LEU C 184 -10.85 20.10 -3.20
CA LEU C 184 -9.50 20.19 -3.77
C LEU C 184 -9.27 21.41 -4.64
N THR C 185 -10.27 22.26 -4.74
CA THR C 185 -10.16 23.47 -5.56
C THR C 185 -8.88 24.22 -5.25
N GLY C 186 -8.14 24.56 -6.30
CA GLY C 186 -6.90 25.31 -6.14
C GLY C 186 -5.67 24.44 -5.95
N LEU C 187 -5.85 23.18 -5.57
CA LEU C 187 -4.73 22.27 -5.34
C LEU C 187 -4.30 21.51 -6.59
C ACE D 1 21.65 12.29 -22.53
O ACE D 1 22.37 13.01 -21.82
CH3 ACE D 1 21.27 12.72 -23.92
N PRO D 2 21.21 11.10 -22.08
CA PRO D 2 21.54 10.62 -20.74
C PRO D 2 23.01 10.18 -20.67
N VAL D 3 23.63 10.35 -19.51
CA VAL D 3 25.01 9.92 -19.37
C VAL D 3 25.08 8.96 -18.20
N GLN D 4 25.59 7.76 -18.45
CA GLN D 4 25.72 6.77 -17.39
C GLN D 4 26.65 7.21 -16.26
N GLU D 5 26.38 6.69 -15.07
CA GLU D 5 27.17 6.98 -13.88
C GLU D 5 28.49 6.23 -13.98
N THR D 6 29.49 6.72 -13.24
CA THR D 6 30.82 6.10 -13.20
C THR D 6 30.79 4.92 -12.25
N LEU D 7 30.09 3.85 -12.64
CA LEU D 7 29.99 2.66 -11.81
C LEU D 7 29.39 3.04 -10.46
N HIS D 8 30.22 3.58 -9.58
CA HIS D 8 29.78 4.01 -8.25
C HIS D 8 30.56 5.26 -7.84
C ACE E 1 -22.39 -17.62 -17.00
O ACE E 1 -21.80 -18.56 -17.54
CH3 ACE E 1 -23.48 -16.88 -17.73
N PRO E 2 -22.07 -17.22 -15.75
CA PRO E 2 -21.04 -17.85 -14.92
C PRO E 2 -21.54 -19.18 -14.38
N VAL E 3 -20.64 -20.15 -14.22
CA VAL E 3 -21.01 -21.45 -13.68
C VAL E 3 -20.30 -21.55 -12.34
N GLN E 4 -21.04 -21.86 -11.26
CA GLN E 4 -20.45 -21.96 -9.94
C GLN E 4 -19.45 -23.09 -9.82
N GLU E 5 -18.52 -22.92 -8.89
CA GLU E 5 -17.48 -23.92 -8.66
C GLU E 5 -18.12 -25.12 -7.94
N THR E 6 -17.43 -26.26 -8.00
CA THR E 6 -17.88 -27.49 -7.37
C THR E 6 -17.63 -27.51 -5.87
N LEU E 7 -18.61 -28.01 -5.12
CA LEU E 7 -18.52 -28.14 -3.68
C LEU E 7 -17.30 -28.95 -3.24
N HIS E 8 -16.98 -30.01 -3.97
CA HIS E 8 -15.85 -30.87 -3.62
C HIS E 8 -14.53 -30.48 -4.28
N GLY E 9 -14.63 -30.13 -5.56
CA GLY E 9 -13.46 -29.75 -6.36
C GLY E 9 -12.20 -29.33 -5.62
N CYS E 10 -12.32 -28.40 -4.68
CA CYS E 10 -11.17 -27.91 -3.94
C CYS E 10 -10.75 -28.83 -2.79
#